data_6CY4
#
_entry.id   6CY4
#
_cell.length_a   90.438
_cell.length_b   90.438
_cell.length_c   64.123
_cell.angle_alpha   90.000
_cell.angle_beta   90.000
_cell.angle_gamma   120.000
#
_symmetry.space_group_name_H-M   'H 3'
#
loop_
_entity.id
_entity.type
_entity.pdbx_description
1 polymer "RNA (5'-R(*(CBV)P*GP*AP*AP*(UOB)P*UP*CP*G)-3')"
2 water water
#
_entity_poly.entity_id   1
_entity_poly.type   'polyribonucleotide'
_entity_poly.pdbx_seq_one_letter_code
;(CBV)GAA(UOB)UCG
;
_entity_poly.pdbx_strand_id   A,B,C,D,E,F,G,H
#